data_7HJR
#
_entry.id   7HJR
#
_cell.length_a   26.256
_cell.length_b   47.270
_cell.length_c   46.545
_cell.angle_alpha   90.000
_cell.angle_beta   103.390
_cell.angle_gamma   90.000
#
_symmetry.space_group_name_H-M   'P 1 21 1'
#
loop_
_entity.id
_entity.type
_entity.pdbx_description
1 polymer 'De novo designed ABLE protein'
2 non-polymer 2-piperidin-4-yloxy-5-(trifluoromethyl)pyridine
3 water water
#
_entity_poly.entity_id   1
_entity_poly.type   'polypeptide(L)'
_entity_poly.pdbx_seq_one_letter_code
;SVKSEYAEAAAVGQEAVAVFNTMKAAFQNGDKEAVAQYLARLASLYTRHEELLNRILEKARREGNKEAVTLMNEFTATFQ
TGKSIFNAMVAAFKNGDDDSFESYLQALEKVTAKGETLADQIAKAL
;
_entity_poly.pdbx_strand_id   A
#
loop_
_chem_comp.id
_chem_comp.type
_chem_comp.name
_chem_comp.formula
80Q non-polymer 2-piperidin-4-yloxy-5-(trifluoromethyl)pyridine 'C11 H13 F3 N2 O'
#
# COMPACT_ATOMS: atom_id res chain seq x y z
N SER A 1 -17.55 -0.56 -13.73
CA SER A 1 -16.46 -0.75 -14.71
C SER A 1 -15.13 -0.97 -13.99
N VAL A 2 -14.13 -1.43 -14.75
CA VAL A 2 -12.81 -1.65 -14.17
C VAL A 2 -12.28 -0.33 -13.65
N LYS A 3 -12.68 0.79 -14.26
N LYS A 3 -12.70 0.79 -14.24
CA LYS A 3 -12.17 2.09 -13.82
CA LYS A 3 -12.23 2.10 -13.78
C LYS A 3 -12.76 2.47 -12.47
C LYS A 3 -12.84 2.44 -12.42
N SER A 4 -14.05 2.18 -12.24
N SER A 4 -14.14 2.19 -12.23
CA SER A 4 -14.64 2.44 -10.93
CA SER A 4 -14.75 2.39 -10.91
C SER A 4 -14.13 1.45 -9.89
C SER A 4 -14.15 1.44 -9.89
N GLU A 5 -13.78 0.23 -10.31
CA GLU A 5 -13.13 -0.67 -9.41
C GLU A 5 -11.72 -0.16 -9.08
N TYR A 6 -11.05 0.52 -10.00
CA TYR A 6 -9.74 1.08 -9.66
C TYR A 6 -9.89 2.26 -8.68
N ALA A 7 -10.96 3.04 -8.79
N ALA A 7 -10.96 3.04 -8.79
CA ALA A 7 -11.17 4.15 -7.85
CA ALA A 7 -11.17 4.15 -7.85
C ALA A 7 -11.42 3.64 -6.44
C ALA A 7 -11.42 3.64 -6.44
N GLU A 8 -12.14 2.53 -6.29
CA GLU A 8 -12.30 1.91 -4.98
C GLU A 8 -10.94 1.46 -4.45
N ALA A 9 -10.18 0.77 -5.28
N ALA A 9 -10.12 0.87 -5.32
CA ALA A 9 -8.85 0.31 -4.87
CA ALA A 9 -8.76 0.48 -4.94
C ALA A 9 -7.98 1.49 -4.47
C ALA A 9 -7.92 1.70 -4.54
N ALA A 10 -8.04 2.58 -5.23
N ALA A 10 -8.03 2.79 -5.30
CA ALA A 10 -7.25 3.76 -4.87
CA ALA A 10 -7.26 3.99 -4.93
C ALA A 10 -7.65 4.29 -3.50
C ALA A 10 -7.69 4.53 -3.58
N ALA A 11 -8.97 4.34 -3.22
CA ALA A 11 -9.44 4.86 -1.93
C ALA A 11 -8.94 4.00 -0.79
N VAL A 12 -8.97 2.68 -0.97
CA VAL A 12 -8.42 1.79 0.06
C VAL A 12 -6.94 2.06 0.25
N GLY A 13 -6.20 2.22 -0.84
N GLY A 13 -6.22 2.38 -0.83
CA GLY A 13 -4.79 2.54 -0.70
CA GLY A 13 -4.84 2.83 -0.67
C GLY A 13 -4.57 3.79 0.12
C GLY A 13 -4.70 4.12 0.12
N GLN A 14 -5.37 4.83 -0.14
N GLN A 14 -5.63 5.07 -0.09
CA GLN A 14 -5.20 6.09 0.58
CA GLN A 14 -5.61 6.28 0.73
C GLN A 14 -5.59 5.98 2.04
C GLN A 14 -5.97 5.99 2.18
N GLU A 15 -6.52 5.09 2.36
N GLU A 15 -6.81 4.98 2.42
CA GLU A 15 -6.87 4.85 3.76
CA GLU A 15 -7.06 4.58 3.81
C GLU A 15 -5.69 4.26 4.52
C GLU A 15 -5.82 3.98 4.46
N ALA A 16 -5.04 3.26 3.95
N ALA A 16 -4.98 3.32 3.67
CA ALA A 16 -3.84 2.70 4.56
CA ALA A 16 -3.71 2.84 4.19
C ALA A 16 -2.79 3.76 4.73
C ALA A 16 -2.74 3.97 4.42
N VAL A 17 -2.61 4.64 3.73
N VAL A 17 -2.83 5.05 3.64
CA VAL A 17 -1.66 5.74 3.90
CA VAL A 17 -1.98 6.21 3.89
C VAL A 17 -2.04 6.59 5.11
C VAL A 17 -2.34 6.86 5.24
N ALA A 18 -3.31 7.01 5.17
N ALA A 18 -3.63 6.94 5.56
CA ALA A 18 -3.77 7.80 6.31
CA ALA A 18 -4.05 7.64 6.77
C ALA A 18 -3.46 7.08 7.61
C ALA A 18 -3.69 6.86 8.03
N VAL A 19 -3.80 5.79 7.68
N VAL A 19 -3.95 5.55 8.04
CA VAL A 19 -3.56 5.01 8.88
CA VAL A 19 -3.65 4.74 9.23
C VAL A 19 -2.06 4.82 9.12
C VAL A 19 -2.15 4.69 9.50
N PHE A 20 -1.28 4.62 8.05
N PHE A 20 -1.35 4.63 8.43
CA PHE A 20 0.15 4.44 8.19
CA PHE A 20 0.10 4.65 8.56
C PHE A 20 0.80 5.69 8.79
C PHE A 20 0.56 5.93 9.24
N ASN A 21 0.37 6.87 8.37
N ASN A 21 -0.01 7.08 8.85
CA ASN A 21 0.95 8.09 8.93
CA ASN A 21 0.48 8.33 9.42
C ASN A 21 0.52 8.31 10.38
C ASN A 21 0.16 8.40 10.90
N THR A 22 -0.68 7.87 10.76
N THR A 22 -1.06 8.04 11.31
CA THR A 22 -1.10 7.90 12.16
CA THR A 22 -1.35 7.97 12.75
C THR A 22 -0.26 6.95 13.01
C THR A 22 -0.50 6.92 13.45
N MET A 23 -0.04 5.74 12.50
N MET A 23 -0.10 5.87 12.73
CA MET A 23 0.78 4.75 13.20
CA MET A 23 0.75 4.86 13.35
C MET A 23 2.18 5.27 13.46
C MET A 23 2.18 5.36 13.53
N LYS A 24 2.74 6.00 12.49
CA LYS A 24 4.08 6.55 12.62
C LYS A 24 4.12 7.53 13.78
N ALA A 25 3.10 8.38 13.90
CA ALA A 25 3.02 9.30 15.05
C ALA A 25 3.00 8.54 16.38
N ALA A 26 2.18 7.51 16.45
CA ALA A 26 2.06 6.72 17.67
C ALA A 26 3.38 6.04 18.01
N PHE A 27 4.07 5.49 17.01
CA PHE A 27 5.37 4.88 17.24
C PHE A 27 6.34 5.91 17.81
N GLN A 28 6.40 7.09 17.19
CA GLN A 28 7.35 8.09 17.66
C GLN A 28 7.05 8.46 19.11
N ASN A 29 5.76 8.51 19.46
CA ASN A 29 5.32 8.84 20.81
C ASN A 29 5.46 7.70 21.79
N GLY A 30 5.79 6.49 21.31
CA GLY A 30 5.95 5.35 22.19
C GLY A 30 4.68 4.70 22.65
N ASP A 31 3.56 4.91 21.93
CA ASP A 31 2.24 4.38 22.28
C ASP A 31 2.12 3.03 21.60
N LYS A 32 2.73 2.01 22.21
N LYS A 32 2.73 2.01 22.21
CA LYS A 32 2.85 0.71 21.55
CA LYS A 32 2.84 0.70 21.56
C LYS A 32 1.51 0.01 21.42
C LYS A 32 1.48 0.03 21.40
N GLU A 33 0.59 0.23 22.36
N GLU A 33 0.58 0.22 22.37
CA GLU A 33 -0.74 -0.37 22.22
CA GLU A 33 -0.75 -0.36 22.25
C GLU A 33 -1.46 0.15 20.99
C GLU A 33 -1.44 0.15 20.98
N ALA A 34 -1.35 1.45 20.72
CA ALA A 34 -1.94 2.01 19.51
C ALA A 34 -1.27 1.44 18.27
N VAL A 35 0.07 1.39 18.28
CA VAL A 35 0.81 0.86 17.13
C VAL A 35 0.32 -0.54 16.79
N ALA A 36 0.16 -1.41 17.81
CA ALA A 36 -0.31 -2.77 17.55
C ALA A 36 -1.64 -2.77 16.80
N GLN A 37 -2.60 -1.98 17.25
N GLN A 37 -2.59 -1.96 17.23
CA GLN A 37 -3.91 -1.93 16.59
CA GLN A 37 -3.91 -1.93 16.59
C GLN A 37 -3.80 -1.38 15.17
C GLN A 37 -3.84 -1.36 15.19
N TYR A 38 -3.02 -0.32 14.99
CA TYR A 38 -2.85 0.23 13.64
C TYR A 38 -2.19 -0.77 12.70
N LEU A 39 -1.20 -1.55 13.19
CA LEU A 39 -0.60 -2.57 12.33
C LEU A 39 -1.62 -3.63 11.91
N ALA A 40 -2.50 -4.06 12.82
CA ALA A 40 -3.56 -4.99 12.44
C ALA A 40 -4.49 -4.37 11.39
N ARG A 41 -4.84 -3.10 11.57
CA ARG A 41 -5.70 -2.40 10.60
C ARG A 41 -5.03 -2.32 9.22
N LEU A 42 -3.74 -1.98 9.20
CA LEU A 42 -2.98 -1.94 7.95
C LEU A 42 -2.91 -3.31 7.29
N ALA A 43 -2.80 -4.38 8.08
N ALA A 43 -2.68 -4.38 8.07
CA ALA A 43 -2.79 -5.71 7.46
CA ALA A 43 -2.54 -5.68 7.41
C ALA A 43 -4.09 -5.94 6.68
C ALA A 43 -3.83 -6.06 6.70
N SER A 44 -5.22 -5.55 7.27
N SER A 44 -4.97 -5.77 7.33
CA SER A 44 -6.50 -5.78 6.63
CA SER A 44 -6.26 -5.97 6.70
C SER A 44 -6.72 -4.87 5.43
C SER A 44 -6.38 -5.16 5.41
N LEU A 45 -6.16 -3.66 5.45
N LEU A 45 -6.09 -3.86 5.51
CA LEU A 45 -6.28 -2.76 4.32
CA LEU A 45 -6.15 -2.99 4.34
C LEU A 45 -5.42 -3.23 3.14
C LEU A 45 -5.21 -3.48 3.24
N TYR A 46 -4.18 -3.64 3.41
N TYR A 46 -4.04 -4.01 3.61
CA TYR A 46 -3.33 -4.13 2.32
CA TYR A 46 -3.15 -4.58 2.60
C TYR A 46 -3.87 -5.40 1.72
C TYR A 46 -3.78 -5.77 1.92
N THR A 47 -4.26 -6.37 2.56
N THR A 47 -4.56 -6.57 2.67
CA THR A 47 -4.79 -7.63 2.03
CA THR A 47 -5.26 -7.70 2.07
C THR A 47 -6.00 -7.38 1.13
C THR A 47 -6.31 -7.23 1.06
N ARG A 48 -6.86 -6.43 1.52
N ARG A 48 -7.14 -6.28 1.49
CA ARG A 48 -7.99 -6.02 0.68
CA ARG A 48 -8.24 -5.81 0.65
C ARG A 48 -7.50 -5.36 -0.61
C ARG A 48 -7.74 -5.09 -0.60
N HIS A 49 -6.66 -4.32 -0.48
CA HIS A 49 -6.08 -3.65 -1.64
C HIS A 49 -5.52 -4.67 -2.64
N GLU A 50 -4.73 -5.63 -2.14
N GLU A 50 -4.76 -5.65 -2.13
CA GLU A 50 -4.06 -6.60 -3.01
CA GLU A 50 -4.26 -6.72 -2.99
C GLU A 50 -5.07 -7.44 -3.78
C GLU A 50 -5.41 -7.38 -3.75
N GLU A 51 -6.14 -7.89 -3.11
N GLU A 51 -6.54 -7.62 -3.08
CA GLU A 51 -7.17 -8.66 -3.79
CA GLU A 51 -7.63 -8.32 -3.74
C GLU A 51 -7.82 -7.83 -4.89
C GLU A 51 -8.28 -7.46 -4.83
N LEU A 52 -8.16 -6.58 -4.60
N LEU A 52 -8.33 -6.15 -4.62
CA LEU A 52 -8.76 -5.70 -5.59
CA LEU A 52 -8.85 -5.28 -5.67
C LEU A 52 -7.84 -5.51 -6.79
C LEU A 52 -7.88 -5.13 -6.82
N LEU A 53 -6.56 -5.19 -6.54
CA LEU A 53 -5.59 -5.04 -7.61
C LEU A 53 -5.54 -6.30 -8.47
N ASN A 54 -5.64 -7.48 -7.85
CA ASN A 54 -5.59 -8.69 -8.68
C ASN A 54 -6.82 -8.77 -9.58
N ARG A 55 -7.98 -8.38 -9.07
N ARG A 55 -7.99 -8.44 -9.06
CA ARG A 55 -9.21 -8.43 -9.88
CA ARG A 55 -9.19 -8.45 -9.89
C ARG A 55 -9.19 -7.41 -11.01
C ARG A 55 -9.03 -7.49 -11.08
N ILE A 56 -8.55 -6.27 -10.81
CA ILE A 56 -8.38 -5.29 -11.87
C ILE A 56 -7.43 -5.83 -12.93
N LEU A 57 -6.28 -6.40 -12.51
CA LEU A 57 -5.34 -6.98 -13.47
C LEU A 57 -5.97 -8.10 -14.27
N GLU A 58 -6.68 -9.02 -13.60
CA GLU A 58 -7.29 -10.13 -14.31
C GLU A 58 -8.33 -9.63 -15.32
N LYS A 59 -9.06 -8.57 -14.99
CA LYS A 59 -10.07 -8.02 -15.89
C LYS A 59 -9.42 -7.32 -17.08
N ALA A 60 -8.37 -6.54 -16.83
CA ALA A 60 -7.62 -5.97 -17.93
C ALA A 60 -7.10 -7.05 -18.87
N ARG A 61 -6.62 -8.18 -18.34
CA ARG A 61 -6.17 -9.29 -19.18
C ARG A 61 -7.32 -9.81 -20.04
N ARG A 62 -8.47 -10.07 -19.41
CA ARG A 62 -9.61 -10.64 -20.15
C ARG A 62 -10.13 -9.68 -21.23
N GLU A 63 -10.00 -8.38 -20.99
CA GLU A 63 -10.35 -7.32 -21.94
C GLU A 63 -9.30 -7.10 -23.02
N GLY A 64 -8.13 -7.75 -22.91
CA GLY A 64 -7.05 -7.56 -23.87
C GLY A 64 -6.40 -6.18 -23.84
N ASN A 65 -6.45 -5.50 -22.71
CA ASN A 65 -5.96 -4.12 -22.61
C ASN A 65 -4.46 -4.19 -22.30
N LYS A 66 -3.65 -4.36 -23.35
N LYS A 66 -3.67 -4.40 -23.36
CA LYS A 66 -2.24 -4.71 -23.17
CA LYS A 66 -2.25 -4.69 -23.19
C LYS A 66 -1.48 -3.65 -22.38
C LYS A 66 -1.58 -3.65 -22.30
N GLU A 67 -1.78 -2.36 -22.62
CA GLU A 67 -1.07 -1.33 -21.85
C GLU A 67 -1.45 -1.39 -20.38
N ALA A 68 -2.73 -1.54 -20.08
CA ALA A 68 -3.13 -1.62 -18.67
C ALA A 68 -2.53 -2.84 -17.99
N VAL A 69 -2.43 -3.96 -18.72
CA VAL A 69 -1.85 -5.18 -18.16
C VAL A 69 -0.38 -4.94 -17.80
N THR A 70 0.38 -4.34 -18.74
CA THR A 70 1.79 -4.01 -18.48
C THR A 70 1.95 -3.18 -17.20
N LEU A 71 1.22 -2.08 -17.14
CA LEU A 71 1.34 -1.19 -15.99
C LEU A 71 0.91 -1.87 -14.71
N MET A 72 -0.14 -2.69 -14.76
CA MET A 72 -0.61 -3.36 -13.55
C MET A 72 0.37 -4.45 -13.11
N ASN A 73 1.00 -5.16 -14.07
CA ASN A 73 2.07 -6.08 -13.68
C ASN A 73 3.20 -5.34 -12.97
N GLU A 74 3.61 -4.18 -13.47
CA GLU A 74 4.68 -3.45 -12.79
C GLU A 74 4.21 -2.97 -11.42
N PHE A 75 2.99 -2.46 -11.35
CA PHE A 75 2.49 -1.92 -10.10
C PHE A 75 2.31 -3.00 -9.04
N THR A 76 1.75 -4.16 -9.43
CA THR A 76 1.62 -5.26 -8.46
C THR A 76 2.98 -5.77 -7.99
N ALA A 77 4.00 -5.76 -8.85
CA ALA A 77 5.33 -6.15 -8.41
C ALA A 77 5.83 -5.20 -7.33
N THR A 78 5.67 -3.90 -7.55
CA THR A 78 6.09 -2.93 -6.55
C THR A 78 5.27 -3.09 -5.28
N PHE A 79 3.98 -3.40 -5.42
N PHE A 79 3.96 -3.30 -5.44
CA PHE A 79 3.14 -3.65 -4.25
CA PHE A 79 3.08 -3.50 -4.29
C PHE A 79 3.73 -4.76 -3.37
C PHE A 79 3.63 -4.59 -3.38
N GLN A 80 4.17 -5.86 -3.99
N GLN A 80 4.10 -5.69 -3.97
CA GLN A 80 4.74 -6.97 -3.24
CA GLN A 80 4.63 -6.80 -3.18
C GLN A 80 6.02 -6.58 -2.51
C GLN A 80 5.89 -6.39 -2.41
N THR A 81 6.77 -5.60 -3.03
CA THR A 81 7.95 -5.09 -2.31
C THR A 81 7.52 -4.38 -1.04
N GLY A 82 6.52 -3.52 -1.16
CA GLY A 82 6.01 -2.83 0.01
C GLY A 82 5.46 -3.79 1.02
N LYS A 83 4.71 -4.79 0.56
CA LYS A 83 4.15 -5.79 1.48
C LYS A 83 5.24 -6.56 2.22
N SER A 84 6.34 -6.93 1.54
CA SER A 84 7.44 -7.60 2.21
C SER A 84 8.06 -6.70 3.28
N ILE A 85 8.25 -5.43 2.95
CA ILE A 85 8.81 -4.51 3.92
C ILE A 85 7.85 -4.33 5.08
N PHE A 86 6.54 -4.23 4.79
CA PHE A 86 5.55 -4.13 5.84
C PHE A 86 5.62 -5.33 6.77
N ASN A 87 5.67 -6.53 6.20
CA ASN A 87 5.73 -7.72 7.04
C ASN A 87 6.98 -7.70 7.92
N ALA A 88 8.10 -7.21 7.38
CA ALA A 88 9.33 -7.12 8.18
C ALA A 88 9.17 -6.11 9.31
N MET A 89 8.45 -5.02 9.05
CA MET A 89 8.16 -4.04 10.09
C MET A 89 7.36 -4.66 11.23
N VAL A 90 6.35 -5.44 10.88
CA VAL A 90 5.52 -6.10 11.88
C VAL A 90 6.38 -7.01 12.75
N ALA A 91 7.29 -7.75 12.11
CA ALA A 91 8.18 -8.63 12.85
C ALA A 91 9.09 -7.82 13.78
N ALA A 92 9.59 -6.68 13.30
CA ALA A 92 10.42 -5.83 14.16
C ALA A 92 9.64 -5.34 15.36
N PHE A 93 8.36 -5.03 15.19
CA PHE A 93 7.55 -4.60 16.32
C PHE A 93 7.36 -5.72 17.33
N LYS A 94 7.04 -6.92 16.84
N LYS A 94 7.05 -6.93 16.83
CA LYS A 94 6.91 -8.08 17.72
CA LYS A 94 6.92 -8.09 17.70
C LYS A 94 8.20 -8.28 18.52
C LYS A 94 8.20 -8.35 18.49
N ASN A 95 9.35 -8.15 17.85
CA ASN A 95 10.65 -8.42 18.46
C ASN A 95 11.16 -7.29 19.34
N GLY A 96 10.50 -6.13 19.35
CA GLY A 96 10.98 -5.00 20.13
C GLY A 96 12.18 -4.30 19.52
N ASP A 97 12.36 -4.40 18.21
CA ASP A 97 13.54 -3.85 17.55
C ASP A 97 13.15 -2.51 16.92
N ASP A 98 13.26 -1.44 17.71
N ASP A 98 13.22 -1.46 17.74
CA ASP A 98 12.85 -0.14 17.22
CA ASP A 98 12.79 -0.14 17.30
C ASP A 98 13.76 0.33 16.09
C ASP A 98 13.71 0.41 16.24
N ASP A 99 15.06 0.06 16.19
N ASP A 99 14.99 0.02 16.24
CA ASP A 99 15.98 0.46 15.14
CA ASP A 99 15.90 0.44 15.19
C ASP A 99 15.51 -0.08 13.78
C ASP A 99 15.43 -0.06 13.83
N SER A 100 15.19 -1.37 13.72
CA SER A 100 14.69 -1.93 12.46
C SER A 100 13.33 -1.35 12.09
N PHE A 101 12.44 -1.15 13.07
CA PHE A 101 11.12 -0.61 12.76
C PHE A 101 11.24 0.75 12.09
N GLU A 102 12.08 1.64 12.64
N GLU A 102 12.05 1.65 12.67
CA GLU A 102 12.30 2.94 12.02
CA GLU A 102 12.27 2.97 12.08
C GLU A 102 12.81 2.77 10.59
C GLU A 102 12.77 2.84 10.65
N SER A 103 13.80 1.90 10.41
N SER A 103 13.74 1.94 10.44
CA SER A 103 14.39 1.67 9.08
CA SER A 103 14.32 1.74 9.11
C SER A 103 13.31 1.24 8.09
C SER A 103 13.25 1.30 8.12
N TYR A 104 12.56 0.20 8.44
CA TYR A 104 11.51 -0.30 7.56
C TYR A 104 10.45 0.75 7.30
N LEU A 105 10.09 1.50 8.33
CA LEU A 105 9.11 2.57 8.16
C LEU A 105 9.54 3.53 7.05
N GLN A 106 10.79 4.01 7.11
N GLN A 106 10.79 4.01 7.11
CA GLN A 106 11.29 4.92 6.07
CA GLN A 106 11.30 4.92 6.09
C GLN A 106 11.32 4.24 4.70
C GLN A 106 11.32 4.25 4.71
N ALA A 107 11.69 2.96 4.65
N ALA A 107 11.81 3.01 4.65
CA ALA A 107 11.72 2.25 3.37
CA ALA A 107 11.91 2.32 3.36
C ALA A 107 10.34 2.16 2.76
C ALA A 107 10.53 2.14 2.74
N LEU A 108 9.33 1.85 3.58
N LEU A 108 9.52 1.89 3.57
CA LEU A 108 7.98 1.70 3.05
CA LEU A 108 8.17 1.69 3.05
C LEU A 108 7.42 3.03 2.54
C LEU A 108 7.61 2.98 2.48
N GLU A 109 7.81 4.13 3.18
N GLU A 109 7.94 4.12 3.11
CA GLU A 109 7.44 5.45 2.68
CA GLU A 109 7.53 5.42 2.58
C GLU A 109 8.06 5.73 1.31
C GLU A 109 8.12 5.64 1.20
N LYS A 110 9.33 5.36 1.12
N LYS A 110 9.43 5.40 1.05
CA LYS A 110 9.99 5.62 -0.15
CA LYS A 110 10.08 5.65 -0.24
C LYS A 110 9.46 4.71 -1.25
C LYS A 110 9.60 4.68 -1.31
N VAL A 111 9.28 3.42 -0.95
N VAL A 111 9.36 3.42 -0.92
CA VAL A 111 8.68 2.50 -1.92
CA VAL A 111 8.77 2.45 -1.86
C VAL A 111 7.29 2.98 -2.32
C VAL A 111 7.38 2.90 -2.29
N THR A 112 6.49 3.41 -1.34
N THR A 112 6.59 3.42 -1.35
CA THR A 112 5.14 3.90 -1.65
CA THR A 112 5.24 3.86 -1.69
C THR A 112 5.21 5.18 -2.48
C THR A 112 5.27 5.14 -2.51
N ALA A 113 6.11 6.10 -2.14
CA ALA A 113 6.21 7.34 -2.88
C ALA A 113 6.61 7.07 -4.34
N LYS A 114 7.58 6.19 -4.55
N LYS A 114 7.60 6.18 -4.55
CA LYS A 114 8.06 5.92 -5.91
CA LYS A 114 8.05 5.90 -5.91
C LYS A 114 6.92 5.39 -6.78
C LYS A 114 6.92 5.31 -6.75
N GLY A 115 6.05 4.56 -6.22
N GLY A 115 6.10 4.47 -6.15
CA GLY A 115 5.02 3.92 -7.01
CA GLY A 115 5.07 3.77 -6.91
C GLY A 115 3.79 4.75 -7.29
C GLY A 115 3.88 4.62 -7.30
N GLU A 116 3.90 6.08 -7.18
N GLU A 116 3.92 5.92 -7.01
CA GLU A 116 2.71 6.91 -7.31
CA GLU A 116 2.75 6.76 -7.20
C GLU A 116 2.51 7.44 -8.72
C GLU A 116 2.62 7.25 -8.64
N THR A 117 3.58 7.75 -9.46
N THR A 117 3.72 7.53 -9.32
CA THR A 117 3.39 8.16 -10.83
CA THR A 117 3.59 7.97 -10.70
C THR A 117 2.79 7.03 -11.67
C THR A 117 3.03 6.86 -11.57
N LEU A 118 3.21 5.80 -11.38
N LEU A 118 3.31 5.60 -11.23
CA LEU A 118 2.62 4.63 -12.02
CA LEU A 118 2.69 4.47 -11.92
C LEU A 118 1.15 4.47 -11.64
C LEU A 118 1.21 4.35 -11.55
N ALA A 119 0.83 4.69 -10.35
N ALA A 119 0.88 4.57 -10.28
CA ALA A 119 -0.55 4.58 -9.91
CA ALA A 119 -0.51 4.51 -9.85
C ALA A 119 -1.46 5.52 -10.69
C ALA A 119 -1.37 5.49 -10.64
N ASP A 120 -0.98 6.74 -10.96
N ASP A 120 -0.82 6.67 -10.95
CA ASP A 120 -1.79 7.66 -11.76
CA ASP A 120 -1.58 7.64 -11.73
C ASP A 120 -1.84 7.23 -13.22
C ASP A 120 -1.63 7.27 -13.20
N GLN A 121 -0.77 6.62 -13.74
N GLN A 121 -0.63 6.52 -13.71
CA GLN A 121 -0.78 6.14 -15.13
CA GLN A 121 -0.65 6.08 -15.10
C GLN A 121 -1.82 5.07 -15.33
C GLN A 121 -1.72 5.03 -15.35
N ILE A 122 -2.02 4.21 -14.33
N ILE A 122 -1.98 4.17 -14.37
CA ILE A 122 -2.97 3.10 -14.47
CA ILE A 122 -2.94 3.09 -14.55
C ILE A 122 -4.39 3.65 -14.56
C ILE A 122 -4.34 3.66 -14.73
N ALA A 123 -4.73 4.63 -13.72
N ALA A 123 -4.73 4.59 -13.86
CA ALA A 123 -6.06 5.21 -13.76
CA ALA A 123 -6.05 5.21 -13.97
C ALA A 123 -6.42 5.64 -15.18
C ALA A 123 -6.31 5.69 -15.39
N LYS A 124 -5.47 6.25 -15.88
N LYS A 124 -5.33 6.34 -16.00
CA LYS A 124 -5.73 6.75 -17.23
CA LYS A 124 -5.46 6.87 -17.34
C LYS A 124 -5.78 5.65 -18.26
C LYS A 124 -5.37 5.81 -18.42
N ALA A 125 -5.14 4.50 -17.99
N ALA A 125 -5.16 4.54 -18.05
CA ALA A 125 -5.01 3.46 -19.00
CA ALA A 125 -5.01 3.47 -19.01
C ALA A 125 -6.18 2.49 -19.03
C ALA A 125 -6.18 2.48 -19.02
N LEU A 126 -6.92 2.36 -17.93
CA LEU A 126 -7.94 1.33 -17.82
C LEU A 126 -9.14 1.55 -18.73
C01 80Q B . 3.43 9.05 3.25
C02 80Q B . 4.76 9.68 2.78
N03 80Q B . 5.56 8.70 2.02
C04 80Q B . 4.93 8.29 0.75
C05 80Q B . 3.42 8.04 0.93
C06 80Q B . 3.05 7.84 2.40
O07 80Q B . 3.78 6.72 2.90
C08 80Q B . 3.17 5.48 3.04
C09 80Q B . 3.85 4.50 3.78
C10 80Q B . 3.25 3.23 3.93
C11 80Q B . 2.00 3.00 3.33
C12 80Q B . 1.40 4.05 2.60
N13 80Q B . 1.97 5.27 2.45
C14 80Q B . 1.25 1.69 3.41
F15 80Q B . 1.55 0.98 4.50
F16 80Q B . 1.50 0.96 2.33
F17 80Q B . -0.04 1.99 3.47
H011 80Q B . 3.50 8.78 4.30
H012 80Q B . 2.64 9.80 3.19
H021 80Q B . 4.56 10.53 2.13
H022 80Q B . 5.32 10.04 3.63
H06 80Q B . 1.96 7.73 2.45
H03 80Q B . 5.69 7.87 2.59
H041 80Q B . 5.08 9.09 0.03
H042 80Q B . 5.43 7.40 0.34
H051 80Q B . 2.86 8.88 0.52
H052 80Q B . 3.11 7.17 0.33
H09 80Q B . 4.81 4.71 4.22
H10 80Q B . 3.75 2.47 4.50
H12 80Q B . 0.45 3.91 2.13
H14 80Q B . 6.47 9.08 1.84
#